data_4OFG
#
_entry.id   4OFG
#
_cell.length_a   67.299
_cell.length_b   67.299
_cell.length_c   59.518
_cell.angle_alpha   90.00
_cell.angle_beta   90.00
_cell.angle_gamma   120.00
#
_symmetry.space_group_name_H-M   'P 31 2 1'
#
loop_
_entity.id
_entity.type
_entity.pdbx_description
1 polymer 'CGMP-dependent protein kinase'
2 non-polymer 'CYCLIC GUANOSINE MONOPHOSPHATE'
3 non-polymer PENTANE-1,5-DIAMINE
4 non-polymer 'SULFATE ION'
5 non-polymer ETHANOL
6 water water
#
_entity_poly.entity_id   1
_entity_poly.type   'polypeptide(L)'
_entity_poly.pdbx_seq_one_letter_code
;GSDASIDYNNKKSIIKKMYIFRYLTDKQCNLLIEAFRTTRYEEGDYIIQEGEVGSRFYIIKNGEVEIVKNKKRLRTLGKN
DYFGERALLYDEPRTASVISKVNNVECWFVDKSVFLQIIQGPMLAHLEERIKMQDTKVEMDELE
;
_entity_poly.pdbx_strand_id   A
#
loop_
_chem_comp.id
_chem_comp.type
_chem_comp.name
_chem_comp.formula
EOH non-polymer ETHANOL 'C2 H6 O'
N2P non-polymer PENTANE-1,5-DIAMINE 'C5 H14 N2'
PCG non-polymer 'CYCLIC GUANOSINE MONOPHOSPHATE' 'C10 H12 N5 O7 P'
SO4 non-polymer 'SULFATE ION' 'O4 S -2'
#
# COMPACT_ATOMS: atom_id res chain seq x y z
N ASP A 3 22.54 -11.48 12.70
CA ASP A 3 22.63 -10.52 11.60
C ASP A 3 21.39 -10.60 10.71
N ALA A 4 21.19 -11.76 10.09
CA ALA A 4 19.92 -12.04 9.44
C ALA A 4 18.87 -12.15 10.53
N SER A 5 19.27 -12.68 11.69
CA SER A 5 18.36 -12.83 12.81
C SER A 5 17.96 -11.48 13.36
N ILE A 6 18.90 -10.53 13.36
CA ILE A 6 18.61 -9.18 13.79
C ILE A 6 17.54 -8.52 12.91
N ASP A 7 17.77 -8.51 11.61
CA ASP A 7 16.82 -7.94 10.66
C ASP A 7 15.46 -8.64 10.77
N TYR A 8 15.45 -9.96 10.87
CA TYR A 8 14.18 -10.66 11.07
C TYR A 8 13.48 -10.14 12.33
N ASN A 9 14.23 -10.08 13.42
CA ASN A 9 13.73 -9.60 14.70
C ASN A 9 13.12 -8.21 14.58
N ASN A 10 13.86 -7.30 13.95
CA ASN A 10 13.41 -5.93 13.78
C ASN A 10 12.14 -5.87 12.96
N LYS A 11 12.12 -6.57 11.83
CA LYS A 11 10.94 -6.54 10.95
C LYS A 11 9.72 -7.17 11.63
N LYS A 12 9.92 -8.25 12.36
CA LYS A 12 8.84 -8.87 13.12
C LYS A 12 8.29 -7.94 14.17
N SER A 13 9.20 -7.29 14.90
CA SER A 13 8.82 -6.32 15.94
C SER A 13 7.96 -5.20 15.37
N ILE A 14 8.33 -4.68 14.21
CA ILE A 14 7.57 -3.58 13.61
C ILE A 14 6.22 -4.06 13.08
N ILE A 15 6.22 -5.13 12.30
CA ILE A 15 4.98 -5.66 11.75
C ILE A 15 3.95 -6.01 12.83
N LYS A 16 4.43 -6.63 13.90
CA LYS A 16 3.55 -6.99 15.03
C LYS A 16 2.85 -5.80 15.67
N LYS A 17 3.38 -4.60 15.43
CA LYS A 17 2.80 -3.39 16.01
C LYS A 17 1.81 -2.71 15.08
N MET A 18 1.85 -3.06 13.79
CA MET A 18 1.11 -2.30 12.78
C MET A 18 -0.37 -2.64 12.66
N TYR A 19 -1.17 -1.58 12.59
CA TYR A 19 -2.61 -1.68 12.50
C TYR A 19 -3.07 -2.52 11.30
N ILE A 20 -2.53 -2.24 10.12
CA ILE A 20 -2.99 -2.91 8.90
C ILE A 20 -2.64 -4.40 8.86
N PHE A 21 -1.70 -4.83 9.68
CA PHE A 21 -1.26 -6.22 9.67
C PHE A 21 -1.73 -7.00 10.88
N ARG A 22 -2.74 -6.46 11.57
CA ARG A 22 -3.18 -7.05 12.82
C ARG A 22 -3.90 -8.40 12.66
N TYR A 23 -4.25 -8.77 11.43
CA TYR A 23 -4.93 -10.06 11.21
C TYR A 23 -4.03 -11.18 10.67
N LEU A 24 -2.76 -10.86 10.45
CA LEU A 24 -1.81 -11.84 9.91
C LEU A 24 -1.68 -13.11 10.77
N THR A 25 -1.77 -14.27 10.13
CA THR A 25 -1.41 -15.52 10.80
C THR A 25 0.12 -15.56 10.91
N ASP A 26 0.64 -16.49 11.70
CA ASP A 26 2.08 -16.63 11.84
C ASP A 26 2.74 -16.87 10.49
N LYS A 27 2.15 -17.77 9.68
CA LYS A 27 2.71 -18.06 8.35
C LYS A 27 2.65 -16.85 7.41
N GLN A 28 1.56 -16.10 7.44
CA GLN A 28 1.46 -14.91 6.60
C GLN A 28 2.51 -13.87 7.02
N CYS A 29 2.67 -13.74 8.33
CA CYS A 29 3.66 -12.81 8.87
C CYS A 29 5.07 -13.22 8.45
N ASN A 30 5.37 -14.52 8.51
CA ASN A 30 6.69 -15.02 8.10
C ASN A 30 6.98 -14.69 6.63
N LEU A 31 5.99 -14.93 5.77
CA LEU A 31 6.15 -14.62 4.35
C LEU A 31 6.40 -13.13 4.12
N LEU A 32 5.62 -12.29 4.81
CA LEU A 32 5.79 -10.86 4.67
C LEU A 32 7.19 -10.40 5.08
N ILE A 33 7.66 -10.88 6.23
CA ILE A 33 8.98 -10.51 6.70
C ILE A 33 10.05 -10.88 5.68
N GLU A 34 9.94 -12.09 5.14
CA GLU A 34 10.90 -12.58 4.15
C GLU A 34 10.82 -11.85 2.81
N ALA A 35 9.63 -11.44 2.42
CA ALA A 35 9.38 -10.95 1.06
C ALA A 35 9.52 -9.44 0.87
N PHE A 36 9.30 -8.66 1.90
CA PHE A 36 9.22 -7.24 1.61
C PHE A 36 10.59 -6.60 1.33
N ARG A 37 10.54 -5.60 0.47
CA ARG A 37 11.75 -4.88 0.24
CA ARG A 37 11.78 -4.84 0.20
C ARG A 37 11.46 -3.37 0.45
N THR A 38 12.44 -2.50 0.40
CA THR A 38 12.18 -1.10 0.69
C THR A 38 12.81 -0.20 -0.35
N THR A 39 12.24 0.98 -0.52
CA THR A 39 12.86 1.96 -1.39
C THR A 39 12.56 3.36 -0.87
N ARG A 40 13.36 4.32 -1.28
CA ARG A 40 13.22 5.71 -0.86
C ARG A 40 12.92 6.54 -2.09
N TYR A 41 12.05 7.54 -1.94
CA TYR A 41 11.66 8.39 -3.06
C TYR A 41 12.00 9.85 -2.77
N GLU A 42 12.25 10.63 -3.83
CA GLU A 42 12.47 12.06 -3.67
C GLU A 42 11.14 12.80 -3.82
N GLU A 43 11.09 14.06 -3.43
CA GLU A 43 9.86 14.83 -3.57
C GLU A 43 9.47 14.95 -5.04
N GLY A 44 8.19 14.70 -5.32
CA GLY A 44 7.70 14.79 -6.68
C GLY A 44 7.75 13.50 -7.47
N ASP A 45 8.41 12.48 -6.92
CA ASP A 45 8.50 11.18 -7.59
C ASP A 45 7.13 10.55 -7.76
N TYR A 46 6.82 10.14 -8.98
CA TYR A 46 5.63 9.31 -9.20
C TYR A 46 5.95 7.87 -8.84
N ILE A 47 5.42 7.42 -7.71
CA ILE A 47 5.62 6.05 -7.26
C ILE A 47 4.77 5.13 -8.13
N ILE A 48 3.57 5.59 -8.44
CA ILE A 48 2.63 4.86 -9.27
C ILE A 48 2.06 5.86 -10.26
N GLN A 49 1.89 5.45 -11.52
CA GLN A 49 1.22 6.28 -12.51
C GLN A 49 -0.08 5.64 -12.96
N GLU A 50 -1.15 6.42 -12.92
CA GLU A 50 -2.46 5.97 -13.36
C GLU A 50 -2.42 5.39 -14.77
N GLY A 51 -3.10 4.25 -14.97
CA GLY A 51 -3.18 3.65 -16.28
C GLY A 51 -2.15 2.56 -16.55
N GLU A 52 -1.11 2.48 -15.71
CA GLU A 52 -0.08 1.48 -15.92
C GLU A 52 -0.41 0.15 -15.24
N VAL A 53 0.16 -0.94 -15.75
CA VAL A 53 0.01 -2.21 -15.07
CA VAL A 53 0.06 -2.23 -15.09
C VAL A 53 0.80 -2.14 -13.77
N GLY A 54 0.27 -2.77 -12.72
CA GLY A 54 0.92 -2.74 -11.44
C GLY A 54 1.22 -4.14 -10.95
N SER A 55 2.26 -4.28 -10.16
CA SER A 55 2.67 -5.58 -9.67
C SER A 55 3.04 -5.55 -8.18
N ARG A 56 2.93 -4.38 -7.55
CA ARG A 56 3.41 -4.23 -6.17
C ARG A 56 2.39 -3.55 -5.24
N PHE A 57 2.39 -3.99 -3.98
CA PHE A 57 1.55 -3.40 -2.93
C PHE A 57 2.49 -2.67 -1.99
N TYR A 58 2.14 -1.43 -1.62
CA TYR A 58 3.06 -0.56 -0.91
C TYR A 58 2.55 -0.18 0.48
N ILE A 59 3.48 -0.04 1.42
CA ILE A 59 3.16 0.45 2.76
C ILE A 59 4.10 1.62 3.09
N ILE A 60 3.55 2.75 3.51
CA ILE A 60 4.39 3.90 3.82
C ILE A 60 5.03 3.76 5.21
N LYS A 61 6.33 3.92 5.29
CA LYS A 61 7.02 3.81 6.57
C LYS A 61 7.65 5.13 6.98
N ASN A 62 7.68 6.08 6.05
CA ASN A 62 8.15 7.42 6.34
C ASN A 62 7.63 8.41 5.31
N GLY A 63 7.21 9.59 5.76
CA GLY A 63 6.80 10.64 4.84
C GLY A 63 5.32 10.59 4.49
N GLU A 64 4.98 11.31 3.41
CA GLU A 64 3.59 11.40 2.94
C GLU A 64 3.54 11.31 1.41
N VAL A 65 2.42 10.81 0.89
CA VAL A 65 2.21 10.76 -0.56
C VAL A 65 0.86 11.38 -0.92
N GLU A 66 0.76 11.84 -2.16
CA GLU A 66 -0.50 12.39 -2.66
C GLU A 66 -1.14 11.44 -3.65
N ILE A 67 -2.45 11.28 -3.55
CA ILE A 67 -3.20 10.48 -4.51
C ILE A 67 -3.90 11.44 -5.46
N VAL A 68 -3.65 11.28 -6.76
CA VAL A 68 -4.20 12.16 -7.78
C VAL A 68 -4.79 11.33 -8.90
N LYS A 69 -6.03 11.63 -9.29
CA LYS A 69 -6.71 10.88 -10.34
C LYS A 69 -7.39 11.86 -11.27
N ASN A 70 -7.08 11.78 -12.56
CA ASN A 70 -7.69 12.69 -13.54
C ASN A 70 -7.55 14.15 -13.12
N LYS A 71 -6.35 14.51 -12.65
CA LYS A 71 -6.04 15.88 -12.24
C LYS A 71 -6.83 16.36 -11.03
N LYS A 72 -7.36 15.43 -10.25
CA LYS A 72 -8.04 15.76 -9.01
C LYS A 72 -7.27 15.14 -7.84
N ARG A 73 -6.93 15.92 -6.85
CA ARG A 73 -6.33 15.41 -5.65
C ARG A 73 -7.39 14.67 -4.87
N LEU A 74 -7.11 13.41 -4.53
CA LEU A 74 -8.06 12.63 -3.78
C LEU A 74 -7.79 12.61 -2.29
N ARG A 75 -6.55 12.41 -1.90
CA ARG A 75 -6.18 12.44 -0.49
C ARG A 75 -4.68 12.42 -0.29
N THR A 76 -4.26 12.58 0.96
CA THR A 76 -2.87 12.42 1.36
C THR A 76 -2.76 11.23 2.28
N LEU A 77 -1.77 10.37 2.05
CA LEU A 77 -1.55 9.23 2.92
C LEU A 77 -0.25 9.37 3.69
N GLY A 78 -0.17 8.76 4.87
CA GLY A 78 0.98 8.94 5.73
C GLY A 78 1.52 7.64 6.27
N LYS A 79 2.33 7.74 7.32
CA LYS A 79 3.02 6.57 7.85
C LYS A 79 2.04 5.47 8.25
N ASN A 80 2.36 4.25 7.84
CA ASN A 80 1.60 3.05 8.16
C ASN A 80 0.27 2.93 7.41
N ASP A 81 0.09 3.77 6.41
CA ASP A 81 -0.97 3.61 5.42
C ASP A 81 -0.46 2.76 4.25
N TYR A 82 -1.36 2.04 3.57
CA TYR A 82 -0.97 1.30 2.37
C TYR A 82 -1.57 1.95 1.11
N PHE A 83 -1.03 1.58 -0.05
CA PHE A 83 -1.65 1.88 -1.33
C PHE A 83 -1.22 0.87 -2.40
N GLY A 84 -1.93 0.89 -3.52
CA GLY A 84 -1.56 0.07 -4.65
C GLY A 84 -2.29 -1.24 -4.63
N GLU A 85 -3.36 -1.32 -3.85
CA GLU A 85 -4.07 -2.59 -3.70
C GLU A 85 -5.11 -2.85 -4.79
N ARG A 86 -5.65 -1.79 -5.39
CA ARG A 86 -6.75 -1.95 -6.34
C ARG A 86 -6.38 -2.70 -7.61
N ALA A 87 -5.22 -2.38 -8.17
CA ALA A 87 -4.77 -3.02 -9.40
C ALA A 87 -4.54 -4.52 -9.21
N LEU A 88 -4.03 -4.86 -8.03
CA LEU A 88 -3.71 -6.24 -7.70
C LEU A 88 -4.96 -7.05 -7.36
N LEU A 89 -5.92 -6.44 -6.68
CA LEU A 89 -7.15 -7.12 -6.31
C LEU A 89 -8.01 -7.42 -7.53
N TYR A 90 -8.01 -6.50 -8.49
CA TYR A 90 -9.01 -6.55 -9.57
C TYR A 90 -8.37 -6.74 -10.95
N ASP A 91 -7.06 -6.95 -10.98
CA ASP A 91 -6.35 -7.23 -12.23
C ASP A 91 -6.54 -6.11 -13.24
N GLU A 92 -6.49 -4.87 -12.75
CA GLU A 92 -6.75 -3.71 -13.59
C GLU A 92 -5.55 -2.78 -13.57
N PRO A 93 -5.48 -1.87 -14.56
CA PRO A 93 -4.42 -0.85 -14.52
C PRO A 93 -4.59 0.06 -13.30
N ARG A 94 -3.50 0.67 -12.86
CA ARG A 94 -3.53 1.62 -11.74
C ARG A 94 -4.62 2.64 -11.96
N THR A 95 -5.43 2.88 -10.92
CA THR A 95 -6.61 3.72 -11.04
C THR A 95 -6.31 5.18 -10.68
N ALA A 96 -5.13 5.44 -10.18
CA ALA A 96 -4.74 6.78 -9.78
C ALA A 96 -3.23 6.84 -9.71
N SER A 97 -2.69 8.06 -9.65
CA SER A 97 -1.26 8.25 -9.47
C SER A 97 -0.95 8.49 -8.00
N VAL A 98 0.23 8.02 -7.59
CA VAL A 98 0.68 8.20 -6.24
C VAL A 98 2.02 8.93 -6.27
N ILE A 99 2.04 10.10 -5.64
CA ILE A 99 3.17 10.99 -5.74
C ILE A 99 3.78 11.30 -4.38
N SER A 100 5.08 11.09 -4.28
CA SER A 100 5.82 11.41 -3.05
C SER A 100 5.74 12.91 -2.80
N LYS A 101 5.28 13.31 -1.62
CA LYS A 101 5.09 14.74 -1.33
C LYS A 101 6.35 15.43 -0.82
N VAL A 102 7.24 14.67 -0.21
CA VAL A 102 8.45 15.20 0.38
C VAL A 102 9.65 14.33 0.03
N ASN A 103 10.86 14.78 0.36
CA ASN A 103 12.03 13.94 0.15
C ASN A 103 12.08 12.88 1.24
N ASN A 104 12.82 11.80 0.96
CA ASN A 104 13.02 10.71 1.91
C ASN A 104 11.77 9.92 2.30
N VAL A 105 10.75 9.92 1.45
CA VAL A 105 9.63 9.04 1.68
C VAL A 105 10.10 7.60 1.48
N GLU A 106 9.86 6.75 2.47
CA GLU A 106 10.25 5.34 2.39
C GLU A 106 9.01 4.46 2.36
N CYS A 107 9.00 3.49 1.46
CA CYS A 107 7.91 2.54 1.38
C CYS A 107 8.44 1.14 1.47
N TRP A 108 7.71 0.27 2.16
CA TRP A 108 7.93 -1.17 2.01
C TRP A 108 7.06 -1.63 0.86
N PHE A 109 7.41 -2.73 0.20
CA PHE A 109 6.55 -3.24 -0.85
C PHE A 109 6.72 -4.75 -1.04
N VAL A 110 5.63 -5.39 -1.46
CA VAL A 110 5.63 -6.82 -1.80
C VAL A 110 4.97 -6.98 -3.15
N ASP A 111 5.25 -8.07 -3.84
CA ASP A 111 4.62 -8.31 -5.13
C ASP A 111 3.21 -8.88 -5.00
N LYS A 112 2.56 -9.09 -6.14
CA LYS A 112 1.15 -9.51 -6.17
C LYS A 112 0.93 -10.87 -5.52
N SER A 113 1.83 -11.83 -5.80
CA SER A 113 1.73 -13.15 -5.20
C SER A 113 1.71 -13.07 -3.68
N VAL A 114 2.66 -12.33 -3.10
CA VAL A 114 2.71 -12.19 -1.65
C VAL A 114 1.51 -11.43 -1.11
N PHE A 115 1.15 -10.33 -1.77
CA PHE A 115 -0.04 -9.55 -1.40
C PHE A 115 -1.28 -10.44 -1.29
N LEU A 116 -1.57 -11.22 -2.33
CA LEU A 116 -2.75 -12.06 -2.34
C LEU A 116 -2.69 -13.07 -1.20
N GLN A 117 -1.50 -13.54 -0.86
CA GLN A 117 -1.37 -14.55 0.19
C GLN A 117 -1.57 -13.97 1.60
N ILE A 118 -1.06 -12.76 1.84
CA ILE A 118 -1.06 -12.24 3.21
C ILE A 118 -2.35 -11.54 3.62
N ILE A 119 -3.19 -11.17 2.65
CA ILE A 119 -4.47 -10.54 2.97
C ILE A 119 -5.57 -11.56 3.22
N GLN A 120 -5.39 -12.81 2.79
CA GLN A 120 -6.43 -13.81 2.98
C GLN A 120 -6.82 -13.88 4.45
N GLY A 121 -8.13 -13.86 4.71
CA GLY A 121 -8.63 -13.71 6.07
C GLY A 121 -9.37 -12.40 6.18
N PRO A 122 -9.46 -11.85 7.40
CA PRO A 122 -10.22 -10.61 7.60
C PRO A 122 -9.67 -9.41 6.80
N MET A 123 -8.37 -9.38 6.53
CA MET A 123 -7.77 -8.21 5.89
C MET A 123 -8.40 -7.91 4.53
N LEU A 124 -8.65 -8.96 3.76
CA LEU A 124 -9.30 -8.81 2.45
C LEU A 124 -10.60 -8.02 2.54
N ALA A 125 -11.48 -8.40 3.47
CA ALA A 125 -12.79 -7.77 3.59
C ALA A 125 -12.67 -6.31 3.98
N HIS A 126 -11.69 -6.01 4.84
CA HIS A 126 -11.44 -4.63 5.24
C HIS A 126 -10.93 -3.79 4.05
N LEU A 127 -10.05 -4.36 3.24
CA LEU A 127 -9.58 -3.66 2.04
C LEU A 127 -10.73 -3.30 1.07
N GLU A 128 -11.62 -4.25 0.81
CA GLU A 128 -12.73 -4.05 -0.11
CA GLU A 128 -12.72 -4.04 -0.12
C GLU A 128 -13.74 -3.04 0.43
N GLU A 129 -13.97 -3.08 1.74
CA GLU A 129 -14.89 -2.13 2.36
C GLU A 129 -14.37 -0.69 2.20
N ARG A 130 -13.08 -0.49 2.47
CA ARG A 130 -12.47 0.84 2.32
C ARG A 130 -12.59 1.35 0.90
N ILE A 131 -12.36 0.48 -0.07
CA ILE A 131 -12.49 0.83 -1.48
C ILE A 131 -13.92 1.28 -1.80
N LYS A 132 -14.90 0.57 -1.27
CA LYS A 132 -16.30 0.92 -1.52
C LYS A 132 -16.63 2.30 -0.98
N MET A 133 -16.22 2.56 0.25
CA MET A 133 -16.50 3.84 0.90
C MET A 133 -15.80 4.97 0.15
N GLN A 134 -14.55 4.71 -0.25
CA GLN A 134 -13.76 5.70 -0.97
C GLN A 134 -14.42 6.10 -2.28
N ASP A 135 -14.85 5.09 -3.03
CA ASP A 135 -15.51 5.33 -4.31
C ASP A 135 -16.80 6.11 -4.13
N THR A 136 -17.51 5.82 -3.04
CA THR A 136 -18.76 6.50 -2.75
C THR A 136 -18.54 7.98 -2.49
N LYS A 137 -17.54 8.31 -1.66
CA LYS A 137 -17.29 9.70 -1.32
C LYS A 137 -16.75 10.47 -2.53
N VAL A 138 -15.84 9.86 -3.28
CA VAL A 138 -15.32 10.51 -4.48
C VAL A 138 -16.43 10.81 -5.49
N GLU A 139 -17.32 9.85 -5.71
CA GLU A 139 -18.47 10.05 -6.58
C GLU A 139 -19.33 11.23 -6.12
N MET A 140 -19.59 11.30 -4.82
CA MET A 140 -20.42 12.39 -4.31
C MET A 140 -19.69 13.74 -4.30
N ASP A 141 -18.40 13.71 -3.97
CA ASP A 141 -17.55 14.90 -4.02
C ASP A 141 -17.58 15.54 -5.41
N GLU A 142 -17.56 14.71 -6.44
CA GLU A 142 -17.49 15.19 -7.82
C GLU A 142 -18.79 15.80 -8.32
N LEU A 143 -19.88 15.55 -7.60
CA LEU A 143 -21.16 16.14 -7.97
C LEU A 143 -21.11 17.65 -7.80
N GLU A 144 -20.26 18.14 -6.91
CA GLU A 144 -20.14 19.57 -6.64
C GLU A 144 -19.40 20.24 -7.79
PA PCG B . -4.17 1.25 -7.50
O1A PCG B . -3.58 -0.08 -7.76
O2A PCG B . -5.45 1.59 -8.44
O5' PCG B . -3.13 2.35 -7.77
C5' PCG B . -3.75 3.71 -7.40
C4' PCG B . -3.84 3.75 -5.92
O4' PCG B . -4.10 4.94 -5.13
C3' PCG B . -4.93 2.80 -5.50
O3' PCG B . -4.65 1.41 -5.93
C2' PCG B . -5.07 2.98 -3.99
O2' PCG B . -4.44 2.06 -3.17
C1' PCG B . -4.63 4.47 -3.85
N9 PCG B . -5.80 5.28 -3.51
C8 PCG B . -5.86 6.15 -2.35
N7 PCG B . -7.24 6.62 -2.29
C5 PCG B . -7.89 6.28 -3.56
C6 PCG B . -9.22 6.66 -4.13
O6 PCG B . -10.07 7.47 -3.36
N1 PCG B . -9.60 6.20 -5.37
C2 PCG B . -8.73 5.37 -6.12
N2 PCG B . -9.13 4.89 -7.44
N3 PCG B . -7.40 5.00 -5.56
C4 PCG B . -7.01 5.46 -4.31
C1 N2P C . -5.39 2.81 1.89
C2 N2P C . -4.80 3.48 3.07
C3 N2P C . -4.94 2.45 4.13
C4 N2P C . -4.23 2.83 5.32
NE2 N2P C . -5.89 3.74 0.93
C5 N2P C . -5.14 2.40 6.44
N1 N2P C . -4.95 3.32 7.51
C1 N2P D . -6.84 7.40 5.50
C2 N2P D . -5.42 7.48 5.95
C3 N2P D . -4.88 8.85 6.09
C4 N2P D . -3.83 8.99 7.14
NE2 N2P D . -6.96 6.72 4.24
C5 N2P D . -4.06 8.05 8.28
N1 N2P D . -3.05 8.19 9.28
C1 N2P E . 14.63 -11.79 6.20
C2 N2P E . 15.92 -12.48 6.45
C3 N2P E . 16.88 -11.71 7.29
C4 N2P E . 17.24 -10.37 6.77
NE2 N2P E . 14.89 -10.40 6.38
C5 N2P E . 18.53 -10.38 6.04
N1 N2P E . 18.93 -9.02 5.90
C1 N2P F . -13.10 2.51 6.46
C2 N2P F . -12.49 3.49 5.53
C3 N2P F . -11.29 4.00 6.24
C4 N2P F . -10.41 4.80 5.36
NE2 N2P F . -12.93 1.14 6.08
C5 N2P F . -11.19 5.46 4.28
N1 N2P F . -10.42 6.50 3.69
C1 N2P G . -6.82 -10.88 -8.73
C2 N2P G . -7.55 -11.92 -7.97
C3 N2P G . -7.80 -11.41 -6.57
C4 N2P G . -8.50 -12.39 -5.69
NE2 N2P G . -6.51 -11.22 -10.08
C5 N2P G . -8.58 -11.92 -4.29
N1 N2P G . -8.12 -12.93 -3.38
C1 N2P H . 2.77 -17.15 -8.09
C2 N2P H . 1.56 -17.81 -7.57
C3 N2P H . 1.49 -17.79 -6.08
C4 N2P H . 0.93 -19.08 -5.54
NE2 N2P H . 2.45 -16.29 -9.18
C5 N2P H . 0.93 -19.08 -4.05
N1 N2P H . 1.50 -20.26 -3.45
S SO4 I . 4.95 -1.68 -9.95
O1 SO4 I . 3.75 -2.03 -9.22
O2 SO4 I . 4.70 -0.52 -10.80
O3 SO4 I . 6.04 -1.35 -9.04
O4 SO4 I . 5.37 -2.79 -10.80
S SO4 J . -9.55 -1.32 8.65
O1 SO4 J . -8.98 -2.23 9.65
O2 SO4 J . -9.44 0.05 9.15
O3 SO4 J . -8.86 -1.47 7.37
O4 SO4 J . -10.96 -1.63 8.44
S SO4 K . 15.62 -4.31 1.80
O1 SO4 K . 16.01 -3.13 2.57
O2 SO4 K . 15.22 -3.92 0.45
O3 SO4 K . 16.77 -5.23 1.72
O4 SO4 K . 14.53 -4.98 2.51
C1 EOH L . -6.04 -3.85 7.24
C2 EOH L . -6.85 -4.68 8.22
O EOH L . -6.00 -2.48 7.61
C1 EOH M . 6.35 -14.73 12.70
C2 EOH M . 5.47 -15.03 13.90
O EOH M . 7.70 -15.03 12.98
C1 EOH N . 0.84 -18.12 3.53
C2 EOH N . 1.83 -19.18 3.95
O EOH N . 0.39 -18.40 2.25
C1 EOH O . 10.29 0.05 -6.20
C2 EOH O . 11.31 -0.23 -7.29
O EOH O . 8.98 -0.05 -6.71
C1 EOH P . 6.51 4.06 -12.46
C2 EOH P . 6.11 5.51 -12.41
O EOH P . 6.07 3.34 -13.56
C1 EOH Q . -12.36 11.72 -10.40
C2 EOH Q . -12.15 12.44 -11.71
O EOH Q . -11.17 11.63 -9.69
C1 EOH R . -11.40 12.18 -10.17
C2 EOH R . -12.11 12.51 -11.46
O EOH R . -11.79 10.90 -9.79
C1 EOH S . -10.27 -1.47 14.63
C2 EOH S . -11.08 -1.14 15.88
O EOH S . -10.57 -0.68 13.53
C1 EOH T . -6.13 14.84 3.01
C2 EOH T . -5.76 15.46 1.66
O EOH T . -6.68 13.58 3.01
C1 EOH U . 17.06 3.80 -1.71
C2 EOH U . 17.15 3.22 -0.32
O EOH U . 15.92 3.36 -2.33
C1 EOH V . 1.23 15.88 -8.88
C2 EOH V . -0.15 16.04 -9.45
O EOH V . 2.14 16.53 -9.68
C1 EOH W . -13.05 6.27 -7.14
C2 EOH W . -12.78 6.66 -8.57
O EOH W . -11.90 6.15 -6.39
C1 EOH X . 8.66 -7.11 -4.35
C2 EOH X . 9.79 -7.72 -3.52
O EOH X . 9.11 -6.21 -5.29
#